data_5VAH
#
_entry.id   5VAH
#
_cell.length_a   101.201
_cell.length_b   87.188
_cell.length_c   74.022
_cell.angle_alpha   90.00
_cell.angle_beta   127.87
_cell.angle_gamma   90.00
#
_symmetry.space_group_name_H-M   'C 1 2 1'
#
loop_
_entity.id
_entity.type
_entity.pdbx_description
1 polymer 'Probable Histone-lysine N-methyltransferase ATXR5'
2 polymer 'Histone H3.2'
3 non-polymer S-ADENOSYL-L-HOMOCYSTEINE
4 water water
#
loop_
_entity_poly.entity_id
_entity_poly.type
_entity_poly.pdbx_seq_one_letter_code
_entity_poly.pdbx_strand_id
1 'polypeptide(L)'
;RRRSGSLVYQKRRRRLLPFVSSEDPAQRLKQMGTLASALTELQMEFSDDLTYSSGMAPRSANQARFEEGGMQVLTKEDIE
TLEQCRAMCKRGDCPPLLVVFDSREGFTVEADGQIKDMTFIAEYTGDVDYIRNREHDDCDSMMTLLLAKDPSSSLVICPD
KRGNIARFISGINNHTLDAKKKQNCKCVRYSVNGECRVFLVATRDIAKGERLYYDYNGYEHEYPTQHFV
;
A,B
2 'polypeptide(L)' ATKAA(DA2)KSAPATGGV C,D
#
loop_
_chem_comp.id
_chem_comp.type
_chem_comp.name
_chem_comp.formula
SAH non-polymer S-ADENOSYL-L-HOMOCYSTEINE 'C14 H20 N6 O5 S'
#
# COMPACT_ATOMS: atom_id res chain seq x y z
N ARG A 15 17.21 31.92 10.82
CA ARG A 15 16.93 30.99 11.92
C ARG A 15 15.74 30.09 11.63
N LEU A 16 15.87 28.79 11.93
CA LEU A 16 14.79 27.81 11.83
C LEU A 16 13.66 28.20 12.77
N LEU A 17 12.45 27.91 12.39
CA LEU A 17 11.33 28.22 13.26
C LEU A 17 10.62 26.92 13.55
N PRO A 18 10.13 26.74 14.79
CA PRO A 18 9.37 25.52 15.08
C PRO A 18 8.00 25.68 14.44
N PHE A 19 7.44 24.58 13.96
CA PHE A 19 6.12 24.61 13.36
C PHE A 19 5.04 24.80 14.43
N VAL A 20 3.81 25.21 14.01
CA VAL A 20 2.68 25.40 14.91
C VAL A 20 1.66 24.29 14.66
N SER A 21 1.53 23.35 15.60
CA SER A 21 0.58 22.24 15.49
C SER A 21 -0.83 22.76 15.62
N SER A 22 -1.76 22.08 14.97
CA SER A 22 -3.15 22.48 15.06
C SER A 22 -3.62 22.37 16.51
N GLU A 23 -4.41 23.38 16.92
CA GLU A 23 -4.90 23.50 18.27
C GLU A 23 -5.98 22.49 18.61
N ASP A 24 -6.85 22.16 17.66
CA ASP A 24 -7.89 21.16 17.90
C ASP A 24 -7.25 19.75 17.89
N PRO A 25 -7.35 18.96 18.99
CA PRO A 25 -6.75 17.60 18.98
C PRO A 25 -7.35 16.70 17.88
N ALA A 26 -8.67 16.85 17.60
CA ALA A 26 -9.38 16.14 16.55
C ALA A 26 -8.80 16.46 15.14
N GLN A 27 -8.29 17.71 14.94
CA GLN A 27 -7.66 18.13 13.68
C GLN A 27 -6.28 17.44 13.50
N ARG A 28 -5.51 17.32 14.59
CA ARG A 28 -4.23 16.62 14.61
C ARG A 28 -4.39 15.11 14.35
N LEU A 29 -5.49 14.49 14.84
CA LEU A 29 -5.86 13.09 14.64
C LEU A 29 -6.18 12.84 13.16
N LYS A 30 -7.02 13.72 12.55
CA LYS A 30 -7.38 13.65 11.13
C LYS A 30 -6.10 13.76 10.26
N GLN A 31 -5.13 14.64 10.65
CA GLN A 31 -3.82 14.82 9.97
C GLN A 31 -2.99 13.52 10.05
N MET A 32 -2.81 12.95 11.28
CA MET A 32 -2.10 11.67 11.54
C MET A 32 -2.77 10.50 10.79
N GLY A 33 -4.10 10.52 10.73
CA GLY A 33 -4.93 9.55 10.03
C GLY A 33 -4.65 9.43 8.55
N THR A 34 -4.52 10.58 7.84
CA THR A 34 -4.22 10.69 6.40
C THR A 34 -2.80 10.15 6.09
N LEU A 35 -1.87 10.31 7.05
CA LEU A 35 -0.49 9.82 6.94
C LEU A 35 -0.49 8.30 7.16
N ALA A 36 -1.11 7.82 8.27
CA ALA A 36 -1.27 6.37 8.58
C ALA A 36 -1.89 5.63 7.34
N SER A 37 -2.96 6.19 6.75
CA SER A 37 -3.66 5.68 5.56
C SER A 37 -2.75 5.55 4.32
N ALA A 38 -2.00 6.61 3.97
CA ALA A 38 -1.07 6.63 2.84
C ALA A 38 0.11 5.69 3.11
N LEU A 39 0.58 5.61 4.37
CA LEU A 39 1.67 4.71 4.77
C LEU A 39 1.22 3.26 4.60
N THR A 40 -0.05 2.97 4.93
CA THR A 40 -0.64 1.64 4.79
C THR A 40 -0.75 1.20 3.32
N GLU A 41 -1.30 2.07 2.43
CA GLU A 41 -1.44 1.83 0.99
C GLU A 41 -0.08 1.50 0.36
N LEU A 42 1.02 2.01 0.96
CA LEU A 42 2.41 1.79 0.49
C LEU A 42 3.17 0.67 1.24
N GLN A 43 2.47 -0.07 2.14
CA GLN A 43 2.99 -1.17 2.98
C GLN A 43 4.17 -0.67 3.81
N MET A 44 4.03 0.56 4.32
CA MET A 44 5.05 1.27 5.07
C MET A 44 4.71 1.41 6.51
N GLU A 45 5.77 1.44 7.33
CA GLU A 45 5.62 1.72 8.75
C GLU A 45 6.03 3.18 8.94
N PHE A 46 5.59 3.79 10.03
CA PHE A 46 5.95 5.13 10.38
C PHE A 46 7.30 5.12 11.07
N SER A 47 8.21 5.97 10.59
CA SER A 47 9.52 6.20 11.19
C SER A 47 9.87 7.68 11.02
N ASP A 48 9.97 8.42 12.12
CA ASP A 48 10.33 9.83 12.10
C ASP A 48 11.81 10.04 12.34
N ASP A 49 12.59 8.99 12.09
CA ASP A 49 14.04 8.97 12.23
C ASP A 49 14.69 8.27 11.08
N LEU A 50 16.00 8.50 10.92
CA LEU A 50 16.83 7.74 10.00
C LEU A 50 17.09 6.37 10.71
N THR A 51 17.01 5.27 9.94
CA THR A 51 17.22 3.93 10.48
C THR A 51 18.42 3.27 9.79
N TYR A 52 19.31 2.64 10.58
CA TYR A 52 20.54 2.01 10.10
C TYR A 52 20.56 0.49 10.29
N GLY A 55 23.67 -4.83 7.84
CA GLY A 55 22.40 -4.78 7.13
C GLY A 55 22.51 -4.03 5.83
N MET A 56 22.29 -2.70 5.88
CA MET A 56 22.41 -1.80 4.72
C MET A 56 23.68 -0.95 4.93
N ALA A 57 23.54 0.22 5.57
CA ALA A 57 24.66 1.12 5.90
C ALA A 57 24.65 1.39 7.41
N PRO A 58 25.79 1.21 8.13
CA PRO A 58 25.78 1.47 9.58
C PRO A 58 25.77 2.97 9.86
N ARG A 59 25.28 3.39 11.05
CA ARG A 59 25.23 4.80 11.46
C ARG A 59 26.60 5.45 11.32
N SER A 60 27.65 4.68 11.63
CA SER A 60 29.07 4.99 11.54
C SER A 60 29.52 5.41 10.12
N ALA A 61 28.79 4.98 9.07
CA ALA A 61 29.04 5.38 7.67
C ALA A 61 28.56 6.80 7.38
N ASN A 62 27.61 7.32 8.20
CA ASN A 62 27.07 8.66 7.98
C ASN A 62 27.91 9.75 8.62
N GLN A 63 28.92 10.24 7.87
CA GLN A 63 29.82 11.29 8.37
C GLN A 63 29.81 12.43 7.41
N ALA A 64 29.43 13.61 7.88
CA ALA A 64 29.33 14.81 7.05
C ALA A 64 30.66 15.28 6.44
N ARG A 65 31.78 15.00 7.12
CA ARG A 65 33.12 15.36 6.64
C ARG A 65 33.48 14.62 5.33
N PHE A 66 32.72 13.56 5.01
CA PHE A 66 32.89 12.75 3.80
C PHE A 66 32.22 13.41 2.56
N GLU A 67 31.38 14.44 2.76
CA GLU A 67 30.71 15.16 1.67
C GLU A 67 31.74 15.91 0.82
N GLU A 68 31.68 15.74 -0.50
CA GLU A 68 32.61 16.40 -1.41
C GLU A 68 32.48 17.95 -1.38
N GLY A 69 33.53 18.61 -0.90
CA GLY A 69 33.55 20.06 -0.77
C GLY A 69 32.80 20.57 0.44
N GLY A 70 32.60 19.67 1.42
CA GLY A 70 31.95 19.95 2.71
C GLY A 70 30.44 20.07 2.78
N MET A 71 29.95 20.05 4.02
CA MET A 71 28.53 20.18 4.34
C MET A 71 28.34 21.20 5.44
N GLN A 72 27.45 22.19 5.20
CA GLN A 72 27.07 23.25 6.16
C GLN A 72 26.71 22.63 7.50
N VAL A 73 27.05 23.31 8.58
CA VAL A 73 26.85 22.82 9.95
C VAL A 73 25.63 23.50 10.58
N LEU A 74 24.68 22.70 11.11
CA LEU A 74 23.50 23.24 11.78
C LEU A 74 23.89 23.85 13.14
N THR A 75 23.52 25.13 13.39
CA THR A 75 23.88 25.84 14.63
C THR A 75 23.16 25.27 15.86
N LYS A 76 23.71 25.52 17.08
CA LYS A 76 23.15 25.08 18.37
C LYS A 76 21.67 25.45 18.49
N GLU A 77 21.32 26.71 18.13
CA GLU A 77 19.98 27.30 18.15
C GLU A 77 19.02 26.51 17.24
N ASP A 78 19.48 26.17 16.01
CA ASP A 78 18.73 25.40 15.02
C ASP A 78 18.61 23.93 15.39
N ILE A 79 19.63 23.36 16.07
CA ILE A 79 19.58 21.97 16.60
C ILE A 79 18.48 21.90 17.69
N GLU A 80 18.37 23.00 18.50
CA GLU A 80 17.39 23.19 19.57
C GLU A 80 15.98 23.23 19.00
N THR A 81 15.80 23.95 17.88
CA THR A 81 14.49 24.02 17.20
C THR A 81 14.15 22.62 16.63
N LEU A 82 15.13 21.96 15.96
CA LEU A 82 14.99 20.60 15.43
C LEU A 82 14.55 19.65 16.54
N GLU A 83 15.29 19.62 17.69
CA GLU A 83 14.97 18.77 18.85
C GLU A 83 13.57 19.06 19.43
N GLN A 84 13.16 20.34 19.49
CA GLN A 84 11.85 20.78 19.94
C GLN A 84 10.74 20.21 19.03
N CYS A 85 10.92 20.32 17.70
CA CYS A 85 10.05 19.80 16.63
C CYS A 85 9.93 18.31 16.72
N ARG A 86 11.06 17.64 16.96
CA ARG A 86 11.14 16.19 17.17
C ARG A 86 10.37 15.78 18.42
N ALA A 87 10.47 16.55 19.52
CA ALA A 87 9.76 16.27 20.78
C ALA A 87 8.27 16.51 20.62
N MET A 88 7.89 17.52 19.79
CA MET A 88 6.49 17.82 19.50
C MET A 88 5.84 16.65 18.75
N CYS A 89 6.52 16.09 17.73
CA CYS A 89 6.00 14.96 16.96
C CYS A 89 5.84 13.71 17.81
N LYS A 90 6.79 13.47 18.74
CA LYS A 90 6.76 12.35 19.67
C LYS A 90 5.50 12.33 20.57
N ARG A 91 5.03 13.51 21.04
CA ARG A 91 3.85 13.65 21.92
C ARG A 91 2.48 13.75 21.24
N GLY A 92 2.48 13.81 19.90
CA GLY A 92 1.26 13.95 19.11
C GLY A 92 1.07 15.29 18.43
N ASP A 93 2.03 16.23 18.61
CA ASP A 93 1.98 17.57 17.99
C ASP A 93 2.66 17.55 16.63
N CYS A 94 2.04 16.88 15.68
CA CYS A 94 2.57 16.76 14.32
C CYS A 94 2.53 18.15 13.62
N PRO A 95 3.32 18.39 12.55
CA PRO A 95 3.15 19.66 11.81
C PRO A 95 1.75 19.75 11.14
N PRO A 96 1.17 20.95 10.87
CA PRO A 96 -0.21 20.98 10.28
C PRO A 96 -0.22 20.65 8.79
N LEU A 97 -0.17 19.35 8.49
CA LEU A 97 -0.12 18.80 7.14
C LEU A 97 -1.17 17.69 6.87
N LEU A 98 -1.64 17.62 5.61
CA LEU A 98 -2.58 16.57 5.20
C LEU A 98 -2.04 15.84 4.02
N VAL A 99 -2.07 14.50 4.08
CA VAL A 99 -1.74 13.65 2.94
C VAL A 99 -3.08 13.53 2.18
N VAL A 100 -3.09 13.98 0.94
CA VAL A 100 -4.28 14.02 0.09
C VAL A 100 -3.91 13.38 -1.25
N PHE A 101 -4.77 12.48 -1.76
CA PHE A 101 -4.56 11.85 -3.05
C PHE A 101 -4.97 12.83 -4.15
N ASP A 102 -4.21 12.82 -5.25
CA ASP A 102 -4.47 13.69 -6.41
C ASP A 102 -4.37 12.84 -7.66
N SER A 103 -5.37 12.98 -8.56
CA SER A 103 -5.46 12.28 -9.84
C SER A 103 -4.18 12.44 -10.70
N ARG A 104 -3.61 13.64 -10.74
CA ARG A 104 -2.40 13.96 -11.51
C ARG A 104 -1.06 13.70 -10.82
N GLU A 105 -1.01 13.77 -9.47
CA GLU A 105 0.24 13.63 -8.70
C GLU A 105 0.41 12.39 -7.82
N GLY A 106 -0.68 11.70 -7.50
CA GLY A 106 -0.68 10.57 -6.58
C GLY A 106 -0.81 11.15 -5.18
N PHE A 107 -0.15 10.56 -4.16
CA PHE A 107 -0.21 11.19 -2.84
C PHE A 107 0.54 12.53 -2.84
N THR A 108 -0.07 13.54 -2.24
CA THR A 108 0.49 14.91 -2.16
C THR A 108 0.34 15.35 -0.70
N VAL A 109 0.99 16.44 -0.32
CA VAL A 109 0.96 16.98 1.03
C VAL A 109 0.56 18.46 0.98
N GLU A 110 -0.50 18.81 1.72
CA GLU A 110 -0.98 20.18 1.82
C GLU A 110 -0.92 20.71 3.24
N ALA A 111 -0.71 22.02 3.35
CA ALA A 111 -0.73 22.73 4.61
C ALA A 111 -2.18 22.68 5.16
N ASP A 112 -2.35 22.35 6.42
CA ASP A 112 -3.68 22.25 7.02
C ASP A 112 -3.89 23.33 8.09
N GLY A 113 -2.96 24.26 8.12
CA GLY A 113 -2.93 25.44 8.97
C GLY A 113 -1.87 26.35 8.40
N GLN A 114 -1.70 27.55 8.96
CA GLN A 114 -0.64 28.41 8.43
C GLN A 114 0.73 27.83 8.80
N ILE A 115 1.69 27.95 7.87
CA ILE A 115 3.10 27.55 8.01
C ILE A 115 3.90 28.80 7.59
N LYS A 116 4.51 29.51 8.57
CA LYS A 116 5.33 30.69 8.30
C LYS A 116 6.61 30.31 7.58
N ASP A 117 7.19 31.29 6.89
CA ASP A 117 8.49 31.22 6.20
C ASP A 117 9.58 30.88 7.24
N MET A 118 10.55 30.01 6.88
CA MET A 118 11.66 29.54 7.74
C MET A 118 11.29 28.41 8.74
N THR A 119 10.03 28.02 8.78
CA THR A 119 9.49 26.92 9.58
C THR A 119 10.02 25.55 9.09
N PHE A 120 10.49 24.74 10.05
CA PHE A 120 10.90 23.35 9.87
C PHE A 120 9.61 22.57 9.65
N ILE A 121 9.51 21.89 8.51
CA ILE A 121 8.34 21.10 8.18
C ILE A 121 8.55 19.65 8.65
N ALA A 122 9.64 19.04 8.19
CA ALA A 122 9.97 17.68 8.53
C ALA A 122 11.36 17.33 8.11
N GLU A 123 11.83 16.22 8.65
CA GLU A 123 13.09 15.61 8.27
C GLU A 123 12.74 14.51 7.22
N TYR A 124 13.57 14.34 6.19
CA TYR A 124 13.40 13.27 5.21
C TYR A 124 13.99 11.99 5.84
N THR A 125 13.10 11.05 6.19
CA THR A 125 13.46 9.82 6.89
C THR A 125 13.23 8.55 6.08
N GLY A 126 13.79 7.45 6.56
CA GLY A 126 13.76 6.12 5.98
C GLY A 126 15.10 5.44 6.23
N ASP A 127 15.20 4.16 5.84
CA ASP A 127 16.41 3.33 5.98
C ASP A 127 17.56 3.95 5.22
N VAL A 128 18.74 4.02 5.84
CA VAL A 128 19.92 4.58 5.18
C VAL A 128 20.66 3.42 4.52
N ASP A 129 21.05 3.60 3.24
CA ASP A 129 21.75 2.61 2.46
C ASP A 129 22.80 3.23 1.54
N TYR A 130 23.76 2.41 1.07
CA TYR A 130 24.80 2.84 0.12
C TYR A 130 24.14 2.98 -1.24
N ILE A 131 24.41 4.06 -1.97
CA ILE A 131 23.86 4.27 -3.30
C ILE A 131 24.08 2.99 -4.20
N ARG A 132 25.26 2.32 -4.04
CA ARG A 132 25.69 1.10 -4.72
C ARG A 132 24.74 -0.09 -4.56
N ASN A 133 24.01 -0.18 -3.42
CA ASN A 133 23.02 -1.23 -3.12
C ASN A 133 21.62 -0.88 -3.68
N ARG A 134 21.47 0.32 -4.28
CA ARG A 134 20.18 0.81 -4.78
C ARG A 134 20.25 1.34 -6.23
N GLU A 135 21.32 0.97 -6.97
CA GLU A 135 21.53 1.38 -8.36
C GLU A 135 20.39 0.93 -9.30
N HIS A 136 19.74 -0.20 -8.98
CA HIS A 136 18.61 -0.77 -9.73
C HIS A 136 17.29 -0.77 -8.88
N ASP A 137 17.10 0.28 -8.03
CA ASP A 137 15.92 0.41 -7.18
C ASP A 137 14.87 1.28 -7.88
N ASP A 138 13.64 0.75 -7.91
CA ASP A 138 12.47 1.36 -8.54
C ASP A 138 11.76 2.37 -7.62
N CYS A 139 12.17 2.48 -6.31
CA CYS A 139 11.57 3.44 -5.35
C CYS A 139 11.59 4.85 -5.94
N ASP A 140 10.39 5.43 -6.13
CA ASP A 140 10.15 6.77 -6.66
C ASP A 140 10.51 7.86 -5.61
N SER A 141 10.88 7.43 -4.39
CA SER A 141 11.15 8.33 -3.28
C SER A 141 12.55 8.29 -2.61
N MET A 142 13.56 7.76 -3.29
CA MET A 142 14.93 7.72 -2.77
C MET A 142 15.49 9.16 -2.66
N MET A 143 16.20 9.48 -1.55
CA MET A 143 16.79 10.79 -1.32
C MET A 143 18.27 10.67 -0.91
N THR A 144 19.17 11.44 -1.55
CA THR A 144 20.60 11.49 -1.21
C THR A 144 20.81 12.02 0.22
N LEU A 145 21.68 11.36 0.97
CA LEU A 145 22.06 11.72 2.32
C LEU A 145 23.49 12.27 2.31
N LEU A 146 24.46 11.50 1.74
CA LEU A 146 25.88 11.82 1.68
C LEU A 146 26.42 11.57 0.25
N LEU A 147 27.11 12.57 -0.29
CA LEU A 147 27.73 12.56 -1.61
C LEU A 147 29.23 12.68 -1.43
N ALA A 148 29.92 11.53 -1.38
CA ALA A 148 31.35 11.42 -1.15
C ALA A 148 32.09 11.24 -2.44
N LYS A 149 33.40 11.61 -2.46
CA LYS A 149 34.28 11.41 -3.62
C LYS A 149 34.31 9.91 -3.94
N ASP A 150 34.46 9.05 -2.91
CA ASP A 150 34.45 7.60 -3.12
C ASP A 150 32.98 7.16 -3.29
N PRO A 151 32.58 6.69 -4.50
CA PRO A 151 31.18 6.28 -4.72
C PRO A 151 30.68 5.14 -3.84
N SER A 152 31.60 4.35 -3.26
CA SER A 152 31.27 3.23 -2.38
C SER A 152 30.92 3.74 -0.97
N SER A 153 31.02 5.07 -0.79
CA SER A 153 30.75 5.73 0.47
C SER A 153 29.49 6.58 0.45
N SER A 154 28.97 6.89 -0.75
CA SER A 154 27.76 7.71 -0.91
C SER A 154 26.53 7.01 -0.37
N LEU A 155 25.75 7.76 0.41
CA LEU A 155 24.55 7.25 1.08
C LEU A 155 23.27 7.81 0.47
N VAL A 156 22.16 7.11 0.72
CA VAL A 156 20.84 7.47 0.23
C VAL A 156 19.83 7.06 1.31
N ILE A 157 18.71 7.79 1.40
CA ILE A 157 17.60 7.48 2.32
C ILE A 157 16.58 6.70 1.50
N CYS A 158 16.11 5.58 2.04
CA CYS A 158 15.14 4.72 1.35
C CYS A 158 13.85 4.52 2.12
N PRO A 159 12.80 5.29 1.78
CA PRO A 159 11.52 5.19 2.51
C PRO A 159 10.55 4.15 1.90
N ASP A 160 11.08 3.06 1.35
CA ASP A 160 10.27 2.01 0.74
C ASP A 160 9.55 1.12 1.77
N LYS A 161 10.15 0.92 2.94
CA LYS A 161 9.62 0.09 4.02
C LYS A 161 9.15 0.90 5.22
N ARG A 162 9.81 2.04 5.48
CA ARG A 162 9.43 2.93 6.59
C ARG A 162 9.78 4.38 6.30
N GLY A 163 8.91 5.28 6.74
CA GLY A 163 9.09 6.71 6.53
C GLY A 163 8.07 7.55 7.24
N ASN A 164 7.98 8.82 6.82
CA ASN A 164 7.14 9.87 7.38
C ASN A 164 6.52 10.71 6.25
N ILE A 165 5.98 11.90 6.57
CA ILE A 165 5.37 12.81 5.57
C ILE A 165 6.27 13.24 4.39
N ALA A 166 7.59 13.47 4.63
CA ALA A 166 8.58 13.95 3.63
C ALA A 166 8.56 13.27 2.27
N ARG A 167 8.35 11.95 2.25
CA ARG A 167 8.32 11.15 1.04
C ARG A 167 7.07 11.35 0.20
N PHE A 168 6.02 11.94 0.77
CA PHE A 168 4.77 12.20 0.04
C PHE A 168 4.71 13.58 -0.58
N ILE A 169 5.67 14.47 -0.22
CA ILE A 169 5.71 15.86 -0.71
C ILE A 169 6.07 15.89 -2.16
N SER A 170 5.35 16.76 -2.91
CA SER A 170 5.50 16.94 -4.35
C SER A 170 6.72 17.74 -4.71
N GLY A 171 7.15 17.56 -5.95
CA GLY A 171 8.28 18.28 -6.50
C GLY A 171 7.83 19.16 -7.63
N ILE A 172 8.69 20.12 -8.02
CA ILE A 172 8.38 21.03 -9.13
C ILE A 172 8.82 20.43 -10.46
N ASN A 173 8.21 20.89 -11.56
CA ASN A 173 8.63 20.48 -12.90
C ASN A 173 9.83 21.40 -13.19
N ASN A 174 11.02 20.84 -13.34
CA ASN A 174 12.24 21.65 -13.61
C ASN A 174 12.40 22.09 -15.07
N HIS A 175 11.53 21.65 -15.98
CA HIS A 175 11.65 21.95 -17.43
C HIS A 175 10.93 23.20 -17.93
N THR A 176 9.83 23.57 -17.25
CA THR A 176 8.97 24.70 -17.59
C THR A 176 9.42 25.97 -16.90
N LEU A 177 9.34 27.10 -17.63
CA LEU A 177 9.72 28.46 -17.20
C LEU A 177 8.93 29.02 -15.98
N ASP A 178 7.88 28.31 -15.53
CA ASP A 178 7.03 28.79 -14.42
C ASP A 178 6.75 27.82 -13.27
N ALA A 179 7.21 26.55 -13.35
CA ALA A 179 6.98 25.59 -12.26
C ALA A 179 7.74 25.88 -10.96
N LYS A 180 8.76 26.75 -11.01
CA LYS A 180 9.50 27.25 -9.86
C LYS A 180 8.61 28.16 -9.00
N LYS A 181 7.58 28.78 -9.63
CA LYS A 181 6.64 29.66 -8.92
C LYS A 181 5.73 28.87 -7.97
N LYS A 182 5.66 27.52 -8.13
CA LYS A 182 4.85 26.63 -7.28
C LYS A 182 5.59 26.25 -5.97
N GLN A 183 6.95 26.23 -6.03
CA GLN A 183 7.85 25.91 -4.93
C GLN A 183 7.62 26.80 -3.72
N ASN A 184 7.35 26.19 -2.58
CA ASN A 184 7.05 26.88 -1.34
C ASN A 184 7.88 26.36 -0.16
N CYS A 185 8.63 25.27 -0.39
CA CYS A 185 9.60 24.72 0.56
C CYS A 185 10.87 24.32 -0.15
N LYS A 186 11.97 24.16 0.58
CA LYS A 186 13.29 23.81 0.10
C LYS A 186 13.83 22.69 0.96
N CYS A 187 14.47 21.72 0.29
CA CYS A 187 15.14 20.62 0.93
C CYS A 187 16.61 20.96 1.07
N VAL A 188 17.14 20.76 2.28
CA VAL A 188 18.52 21.11 2.60
C VAL A 188 19.19 20.00 3.36
N ARG A 189 20.52 19.93 3.25
CA ARG A 189 21.33 18.96 4.01
C ARG A 189 22.29 19.75 4.91
N TYR A 190 22.24 19.45 6.21
CA TYR A 190 23.08 20.05 7.24
C TYR A 190 23.80 18.96 8.03
N SER A 191 24.97 19.30 8.57
CA SER A 191 25.74 18.41 9.43
C SER A 191 25.17 18.61 10.84
N VAL A 192 24.72 17.52 11.49
CA VAL A 192 24.13 17.60 12.82
C VAL A 192 24.90 16.61 13.67
N ASN A 193 25.78 17.13 14.55
CA ASN A 193 26.66 16.35 15.43
C ASN A 193 27.59 15.38 14.64
N GLY A 194 28.00 15.87 13.47
CA GLY A 194 28.87 15.17 12.52
C GLY A 194 28.19 14.30 11.48
N GLU A 195 26.86 14.12 11.58
CA GLU A 195 26.13 13.29 10.62
C GLU A 195 25.30 14.13 9.62
N CYS A 196 25.18 13.64 8.36
CA CYS A 196 24.33 14.25 7.32
C CYS A 196 22.87 14.03 7.72
N ARG A 197 22.06 15.08 7.59
CA ARG A 197 20.62 15.08 7.90
C ARG A 197 19.89 15.84 6.81
N VAL A 198 18.69 15.37 6.41
CA VAL A 198 17.94 15.99 5.30
C VAL A 198 16.64 16.60 5.84
N PHE A 199 16.49 17.92 5.69
CA PHE A 199 15.34 18.66 6.21
C PHE A 199 14.59 19.48 5.19
N LEU A 200 13.27 19.63 5.42
CA LEU A 200 12.36 20.44 4.63
C LEU A 200 11.96 21.67 5.45
N VAL A 201 12.13 22.84 4.81
CA VAL A 201 11.91 24.16 5.40
C VAL A 201 11.08 25.00 4.43
N ALA A 202 10.06 25.70 4.97
CA ALA A 202 9.18 26.61 4.24
C ALA A 202 10.02 27.83 3.81
N THR A 203 9.98 28.14 2.51
CA THR A 203 10.74 29.21 1.88
C THR A 203 9.91 30.47 1.77
N ARG A 204 8.60 30.35 2.04
CA ARG A 204 7.62 31.44 2.10
C ARG A 204 6.49 31.03 3.04
N ASP A 205 5.55 31.96 3.29
CA ASP A 205 4.39 31.74 4.15
C ASP A 205 3.40 30.91 3.36
N ILE A 206 2.99 29.78 3.95
CA ILE A 206 2.07 28.85 3.32
C ILE A 206 0.75 28.84 4.05
N ALA A 207 -0.36 29.11 3.31
CA ALA A 207 -1.72 29.13 3.85
C ALA A 207 -2.32 27.75 3.83
N LYS A 208 -3.34 27.54 4.69
CA LYS A 208 -4.18 26.35 4.81
C LYS A 208 -4.71 26.02 3.42
N GLY A 209 -4.56 24.77 3.02
CA GLY A 209 -4.96 24.26 1.70
C GLY A 209 -3.90 24.32 0.61
N GLU A 210 -2.80 25.09 0.80
CA GLU A 210 -1.76 25.12 -0.26
C GLU A 210 -1.02 23.79 -0.31
N ARG A 211 -0.85 23.24 -1.50
CA ARG A 211 -0.07 22.03 -1.70
C ARG A 211 1.41 22.39 -1.52
N LEU A 212 2.19 21.50 -0.87
CA LEU A 212 3.62 21.69 -0.66
C LEU A 212 4.38 21.20 -1.89
N TYR A 213 5.39 21.97 -2.33
CA TYR A 213 6.24 21.65 -3.47
C TYR A 213 7.68 22.07 -3.21
N TYR A 214 8.65 21.19 -3.51
CA TYR A 214 10.06 21.55 -3.43
C TYR A 214 10.77 21.10 -4.70
N ASP A 215 12.04 21.46 -4.85
CA ASP A 215 12.79 21.04 -6.01
C ASP A 215 13.45 19.69 -5.74
N TYR A 216 12.93 18.58 -6.36
CA TYR A 216 13.48 17.21 -6.24
C TYR A 216 14.97 17.13 -6.73
N ASN A 217 15.43 18.15 -7.48
CA ASN A 217 16.78 18.27 -8.05
C ASN A 217 17.49 19.54 -7.58
N GLY A 218 17.59 19.68 -6.26
CA GLY A 218 18.20 20.82 -5.59
C GLY A 218 19.71 20.88 -5.66
N TYR A 219 20.35 19.74 -6.01
CA TYR A 219 21.80 19.63 -6.14
C TYR A 219 22.20 18.78 -7.37
N GLU A 220 21.87 17.49 -7.36
CA GLU A 220 22.09 16.61 -8.52
C GLU A 220 20.86 16.75 -9.41
N HIS A 221 20.93 16.19 -10.64
CA HIS A 221 19.79 16.21 -11.56
C HIS A 221 19.39 14.78 -11.91
N GLU A 222 19.20 13.96 -10.87
CA GLU A 222 18.90 12.52 -10.88
C GLU A 222 17.42 12.17 -10.75
N TYR A 223 16.52 13.19 -10.83
CA TYR A 223 15.09 12.95 -10.78
C TYR A 223 14.42 13.44 -12.05
N PRO A 224 13.80 12.54 -12.88
CA PRO A 224 13.07 13.01 -14.09
C PRO A 224 11.75 13.75 -13.76
N THR A 225 11.68 15.05 -14.07
CA THR A 225 10.48 15.84 -13.74
C THR A 225 9.68 16.42 -14.96
N GLN A 226 10.05 16.06 -16.21
CA GLN A 226 9.39 16.62 -17.39
C GLN A 226 7.87 16.49 -17.45
N HIS A 227 7.31 15.38 -16.91
CA HIS A 227 5.85 15.09 -16.94
C HIS A 227 5.06 15.63 -15.70
N PHE A 228 5.76 16.25 -14.73
CA PHE A 228 5.16 16.79 -13.50
C PHE A 228 4.24 18.00 -13.78
N VAL A 229 3.18 18.17 -12.97
CA VAL A 229 2.27 19.32 -13.11
C VAL A 229 2.80 20.53 -12.32
N ARG B 14 -4.37 -0.59 -17.22
CA ARG B 14 -3.99 -1.58 -16.22
C ARG B 14 -4.91 -2.80 -16.31
N ARG B 15 -4.61 -3.70 -17.25
CA ARG B 15 -5.44 -4.88 -17.54
C ARG B 15 -5.17 -6.13 -16.70
N LEU B 16 -6.23 -6.93 -16.50
CA LEU B 16 -6.23 -8.25 -15.87
C LEU B 16 -5.45 -9.19 -16.79
N LEU B 17 -4.63 -10.06 -16.17
CA LEU B 17 -3.82 -11.04 -16.90
C LEU B 17 -4.26 -12.45 -16.61
N PRO B 18 -4.25 -13.35 -17.63
CA PRO B 18 -4.56 -14.76 -17.33
C PRO B 18 -3.40 -15.40 -16.60
N PHE B 19 -3.68 -16.41 -15.79
CA PHE B 19 -2.62 -17.12 -15.08
C PHE B 19 -1.88 -18.04 -16.06
N VAL B 20 -0.65 -18.45 -15.69
CA VAL B 20 0.17 -19.39 -16.45
C VAL B 20 0.17 -20.69 -15.63
N SER B 21 -0.53 -21.73 -16.14
CA SER B 21 -0.60 -23.04 -15.50
C SER B 21 0.76 -23.72 -15.55
N SER B 22 1.00 -24.65 -14.63
CA SER B 22 2.24 -25.40 -14.61
C SER B 22 2.32 -26.25 -15.86
N GLU B 23 3.50 -26.25 -16.49
CA GLU B 23 3.70 -26.98 -17.74
C GLU B 23 3.65 -28.48 -17.57
N ASP B 24 4.22 -29.00 -16.48
CA ASP B 24 4.21 -30.41 -16.14
C ASP B 24 2.77 -30.85 -15.76
N PRO B 25 2.13 -31.78 -16.55
CA PRO B 25 0.75 -32.23 -16.21
C PRO B 25 0.64 -32.91 -14.85
N ALA B 26 1.73 -33.56 -14.41
CA ALA B 26 1.86 -34.21 -13.10
C ALA B 26 1.84 -33.16 -11.98
N GLN B 27 2.41 -31.96 -12.26
CA GLN B 27 2.43 -30.83 -11.33
C GLN B 27 1.01 -30.26 -11.19
N ARG B 28 0.26 -30.16 -12.31
CA ARG B 28 -1.15 -29.72 -12.30
C ARG B 28 -2.07 -30.68 -11.51
N LEU B 29 -1.88 -32.00 -11.68
CA LEU B 29 -2.65 -33.05 -10.98
C LEU B 29 -2.47 -32.97 -9.47
N LYS B 30 -1.20 -32.78 -9.02
CA LYS B 30 -0.76 -32.65 -7.65
C LYS B 30 -1.45 -31.42 -6.99
N GLN B 31 -1.49 -30.30 -7.73
CA GLN B 31 -2.10 -29.02 -7.38
C GLN B 31 -3.58 -29.20 -7.16
N MET B 32 -4.28 -29.83 -8.13
CA MET B 32 -5.71 -30.16 -8.09
C MET B 32 -6.06 -31.11 -6.93
N GLY B 33 -5.16 -32.05 -6.66
CA GLY B 33 -5.25 -33.01 -5.57
C GLY B 33 -5.17 -32.39 -4.19
N THR B 34 -4.41 -31.29 -4.01
CA THR B 34 -4.34 -30.61 -2.70
C THR B 34 -5.64 -29.86 -2.45
N LEU B 35 -6.23 -29.28 -3.52
CA LEU B 35 -7.52 -28.61 -3.43
C LEU B 35 -8.63 -29.62 -3.06
N ALA B 36 -8.69 -30.74 -3.82
CA ALA B 36 -9.62 -31.85 -3.62
C ALA B 36 -9.47 -32.45 -2.22
N SER B 37 -8.23 -32.63 -1.74
CA SER B 37 -7.95 -33.17 -0.40
C SER B 37 -8.51 -32.25 0.72
N ALA B 38 -8.27 -30.91 0.62
CA ALA B 38 -8.75 -29.88 1.55
C ALA B 38 -10.27 -29.78 1.55
N LEU B 39 -10.90 -29.86 0.35
CA LEU B 39 -12.35 -29.86 0.14
C LEU B 39 -12.98 -31.07 0.83
N THR B 40 -12.40 -32.28 0.62
CA THR B 40 -12.82 -33.52 1.28
C THR B 40 -12.73 -33.39 2.81
N GLU B 41 -11.60 -32.80 3.32
CA GLU B 41 -11.35 -32.55 4.75
C GLU B 41 -12.45 -31.71 5.40
N LEU B 42 -13.10 -30.82 4.59
CA LEU B 42 -14.20 -29.97 5.08
C LEU B 42 -15.59 -30.46 4.66
N GLN B 43 -15.65 -31.65 3.99
CA GLN B 43 -16.86 -32.30 3.48
C GLN B 43 -17.58 -31.38 2.49
N MET B 44 -16.77 -30.79 1.61
CA MET B 44 -17.18 -29.85 0.59
C MET B 44 -17.11 -30.46 -0.80
N GLU B 45 -17.90 -29.91 -1.70
CA GLU B 45 -17.88 -30.28 -3.11
C GLU B 45 -17.21 -29.11 -3.84
N PHE B 46 -16.42 -29.42 -4.88
CA PHE B 46 -15.83 -28.39 -5.70
C PHE B 46 -16.92 -27.69 -6.49
N SER B 47 -16.80 -26.36 -6.64
CA SER B 47 -17.70 -25.51 -7.42
C SER B 47 -16.93 -24.26 -7.87
N ASP B 48 -16.81 -24.06 -9.19
CA ASP B 48 -16.11 -22.91 -9.75
C ASP B 48 -17.07 -21.77 -10.12
N ASP B 49 -18.27 -21.77 -9.54
CA ASP B 49 -19.29 -20.75 -9.76
C ASP B 49 -20.10 -20.47 -8.53
N LEU B 50 -20.82 -19.34 -8.55
CA LEU B 50 -21.76 -18.92 -7.51
C LEU B 50 -23.00 -19.80 -7.69
N THR B 51 -23.48 -20.40 -6.59
CA THR B 51 -24.65 -21.30 -6.59
C THR B 51 -25.79 -20.69 -5.82
N TYR B 52 -27.02 -20.89 -6.31
CA TYR B 52 -28.20 -20.25 -5.73
C TYR B 52 -29.23 -21.26 -5.23
N GLY B 55 -33.62 -22.59 -0.80
CA GLY B 55 -34.07 -21.97 0.44
C GLY B 55 -33.15 -20.89 0.96
N MET B 56 -32.35 -20.30 0.04
CA MET B 56 -31.38 -19.26 0.29
C MET B 56 -31.75 -18.04 -0.57
N ALA B 57 -30.83 -17.51 -1.36
CA ALA B 57 -31.09 -16.38 -2.23
C ALA B 57 -31.22 -16.80 -3.69
N PRO B 58 -32.28 -16.34 -4.41
CA PRO B 58 -32.35 -16.63 -5.86
C PRO B 58 -31.32 -15.79 -6.63
N ARG B 59 -31.05 -16.15 -7.91
CA ARG B 59 -30.13 -15.43 -8.81
C ARG B 59 -30.63 -14.01 -9.10
N SER B 60 -31.95 -13.79 -8.94
CA SER B 60 -32.67 -12.52 -9.09
C SER B 60 -32.14 -11.47 -8.12
N ALA B 61 -31.84 -11.89 -6.86
CA ALA B 61 -31.31 -11.07 -5.78
C ALA B 61 -29.94 -10.51 -6.15
N ASN B 62 -29.13 -11.27 -6.89
CA ASN B 62 -27.79 -10.84 -7.26
C ASN B 62 -27.81 -9.89 -8.44
N GLN B 63 -27.97 -8.60 -8.10
CA GLN B 63 -28.00 -7.52 -9.07
C GLN B 63 -27.11 -6.40 -8.59
N ALA B 64 -26.05 -6.08 -9.37
CA ALA B 64 -25.10 -5.04 -9.04
C ALA B 64 -25.64 -3.61 -8.93
N ARG B 65 -26.82 -3.33 -9.52
CA ARG B 65 -27.48 -2.02 -9.43
C ARG B 65 -27.94 -1.75 -7.96
N PHE B 66 -28.07 -2.82 -7.16
CA PHE B 66 -28.49 -2.77 -5.77
C PHE B 66 -27.39 -2.31 -4.81
N GLU B 67 -26.09 -2.39 -5.22
CA GLU B 67 -24.95 -1.99 -4.40
C GLU B 67 -25.08 -0.51 -4.03
N GLU B 68 -24.84 -0.17 -2.74
CA GLU B 68 -24.92 1.20 -2.25
C GLU B 68 -23.64 1.93 -2.61
N GLY B 69 -23.77 2.95 -3.46
CA GLY B 69 -22.64 3.69 -3.97
C GLY B 69 -22.30 3.26 -5.38
N GLY B 70 -22.79 2.07 -5.77
CA GLY B 70 -22.55 1.51 -7.10
C GLY B 70 -21.42 0.49 -7.15
N MET B 71 -21.32 -0.21 -8.27
CA MET B 71 -20.33 -1.24 -8.44
C MET B 71 -19.65 -1.06 -9.78
N GLN B 72 -18.28 -0.95 -9.78
CA GLN B 72 -17.47 -0.84 -10.99
C GLN B 72 -17.87 -1.98 -11.96
N VAL B 73 -17.78 -1.74 -13.24
CA VAL B 73 -18.20 -2.72 -14.23
C VAL B 73 -17.00 -3.37 -14.89
N LEU B 74 -17.02 -4.72 -14.97
CA LEU B 74 -15.96 -5.47 -15.64
C LEU B 74 -16.02 -5.18 -17.13
N THR B 75 -14.91 -4.68 -17.69
CA THR B 75 -14.83 -4.36 -19.13
C THR B 75 -14.90 -5.63 -20.00
N LYS B 76 -15.21 -5.48 -21.30
CA LYS B 76 -15.30 -6.58 -22.27
C LYS B 76 -13.95 -7.36 -22.32
N GLU B 77 -12.84 -6.59 -22.35
CA GLU B 77 -11.43 -7.00 -22.36
C GLU B 77 -11.12 -7.94 -21.16
N ASP B 78 -11.59 -7.57 -19.94
CA ASP B 78 -11.39 -8.35 -18.71
C ASP B 78 -12.36 -9.51 -18.58
N ILE B 79 -13.55 -9.39 -19.22
CA ILE B 79 -14.54 -10.47 -19.28
C ILE B 79 -13.96 -11.62 -20.11
N GLU B 80 -13.25 -11.31 -21.23
CA GLU B 80 -12.62 -12.33 -22.08
C GLU B 80 -11.50 -13.05 -21.28
N THR B 81 -10.72 -12.27 -20.50
CA THR B 81 -9.63 -12.76 -19.63
C THR B 81 -10.17 -13.76 -18.61
N LEU B 82 -11.28 -13.39 -17.92
CA LEU B 82 -12.01 -14.21 -16.95
C LEU B 82 -12.54 -15.49 -17.63
N GLU B 83 -13.10 -15.35 -18.87
CA GLU B 83 -13.63 -16.46 -19.69
C GLU B 83 -12.51 -17.41 -20.13
N GLN B 84 -11.32 -16.89 -20.42
CA GLN B 84 -10.16 -17.69 -20.79
C GLN B 84 -9.73 -18.56 -19.59
N CYS B 85 -9.60 -17.95 -18.41
CA CYS B 85 -9.23 -18.59 -17.15
C CYS B 85 -10.20 -19.72 -16.74
N ARG B 86 -11.51 -19.47 -16.84
CA ARG B 86 -12.57 -20.44 -16.54
C ARG B 86 -12.55 -21.61 -17.49
N ALA B 87 -12.26 -21.34 -18.79
CA ALA B 87 -12.16 -22.38 -19.84
C ALA B 87 -10.93 -23.25 -19.56
N MET B 88 -9.80 -22.60 -19.19
CA MET B 88 -8.54 -23.26 -18.81
C MET B 88 -8.77 -24.20 -17.59
N CYS B 89 -9.50 -23.71 -16.55
CA CYS B 89 -9.87 -24.48 -15.35
C CYS B 89 -10.71 -25.69 -15.69
N LYS B 90 -11.60 -25.55 -16.70
CA LYS B 90 -12.49 -26.61 -17.16
C LYS B 90 -11.72 -27.72 -17.88
N ARG B 91 -10.73 -27.35 -18.74
CA ARG B 91 -9.87 -28.29 -19.48
C ARG B 91 -8.76 -28.93 -18.63
N GLY B 92 -8.52 -28.41 -17.44
CA GLY B 92 -7.51 -28.92 -16.50
C GLY B 92 -6.35 -27.99 -16.16
N ASP B 93 -6.32 -26.80 -16.78
CA ASP B 93 -5.28 -25.81 -16.54
C ASP B 93 -5.68 -24.89 -15.40
N CYS B 94 -5.50 -25.40 -14.19
CA CYS B 94 -5.79 -24.71 -12.94
C CYS B 94 -4.71 -23.62 -12.69
N PRO B 95 -4.96 -22.57 -11.86
CA PRO B 95 -3.86 -21.61 -11.54
C PRO B 95 -2.74 -22.35 -10.76
N PRO B 96 -1.45 -21.93 -10.88
CA PRO B 96 -0.38 -22.68 -10.21
C PRO B 96 -0.33 -22.41 -8.71
N LEU B 97 -1.24 -23.06 -7.97
CA LEU B 97 -1.45 -22.91 -6.53
C LEU B 97 -1.56 -24.27 -5.88
N LEU B 98 -1.09 -24.35 -4.62
CA LEU B 98 -1.17 -25.53 -3.77
C LEU B 98 -1.90 -25.19 -2.49
N VAL B 99 -2.72 -26.13 -2.01
CA VAL B 99 -3.38 -25.98 -0.71
C VAL B 99 -2.47 -26.73 0.26
N VAL B 100 -1.94 -26.02 1.23
CA VAL B 100 -0.98 -26.58 2.18
C VAL B 100 -1.48 -26.31 3.60
N PHE B 101 -1.45 -27.37 4.46
CA PHE B 101 -1.85 -27.23 5.86
C PHE B 101 -0.70 -26.58 6.61
N ASP B 102 -1.05 -25.61 7.42
CA ASP B 102 -0.10 -24.90 8.27
C ASP B 102 -0.70 -24.90 9.70
N SER B 103 0.08 -25.33 10.69
CA SER B 103 -0.40 -25.44 12.07
C SER B 103 -0.95 -24.13 12.67
N ARG B 104 -0.44 -22.97 12.21
CA ARG B 104 -0.80 -21.64 12.71
C ARG B 104 -1.95 -20.96 11.99
N GLU B 105 -2.12 -21.24 10.66
CA GLU B 105 -3.17 -20.64 9.82
C GLU B 105 -4.25 -21.64 9.33
N GLY B 106 -4.08 -22.95 9.58
CA GLY B 106 -4.98 -23.98 9.07
C GLY B 106 -4.60 -24.20 7.61
N PHE B 107 -5.58 -24.47 6.73
CA PHE B 107 -5.25 -24.58 5.29
C PHE B 107 -4.89 -23.18 4.76
N THR B 108 -3.83 -23.12 3.94
CA THR B 108 -3.35 -21.90 3.30
C THR B 108 -3.16 -22.24 1.83
N VAL B 109 -2.89 -21.22 1.01
CA VAL B 109 -2.66 -21.35 -0.42
C VAL B 109 -1.33 -20.68 -0.73
N GLU B 110 -0.47 -21.39 -1.47
CA GLU B 110 0.82 -20.87 -1.87
C GLU B 110 1.02 -21.02 -3.36
N ALA B 111 1.80 -20.12 -3.94
CA ALA B 111 2.14 -20.17 -5.35
C ALA B 111 3.02 -21.41 -5.61
N ASP B 112 2.69 -22.22 -6.63
CA ASP B 112 3.49 -23.40 -7.03
C ASP B 112 4.18 -23.11 -8.38
N GLY B 113 4.30 -21.83 -8.65
CA GLY B 113 4.92 -21.25 -9.83
C GLY B 113 4.91 -19.75 -9.67
N GLN B 114 5.50 -19.04 -10.63
CA GLN B 114 5.50 -17.58 -10.59
C GLN B 114 4.13 -17.06 -11.02
N ILE B 115 3.63 -16.04 -10.33
CA ILE B 115 2.35 -15.39 -10.63
C ILE B 115 2.69 -13.90 -10.76
N LYS B 116 2.53 -13.34 -11.98
CA LYS B 116 2.86 -11.93 -12.19
C LYS B 116 1.78 -11.07 -11.59
N ASP B 117 2.14 -9.80 -11.34
CA ASP B 117 1.25 -8.75 -10.86
C ASP B 117 0.09 -8.61 -11.85
N MET B 118 -1.15 -8.34 -11.35
CA MET B 118 -2.38 -8.17 -12.17
C MET B 118 -2.98 -9.48 -12.72
N THR B 119 -2.48 -10.62 -12.27
CA THR B 119 -2.95 -11.93 -12.69
C THR B 119 -4.16 -12.34 -11.87
N PHE B 120 -5.23 -12.80 -12.56
CA PHE B 120 -6.44 -13.36 -11.99
C PHE B 120 -6.08 -14.68 -11.30
N ILE B 121 -6.40 -14.80 -10.01
CA ILE B 121 -6.10 -16.02 -9.25
C ILE B 121 -7.34 -16.93 -9.22
N ALA B 122 -8.52 -16.38 -8.85
CA ALA B 122 -9.77 -17.13 -8.73
C ALA B 122 -10.92 -16.21 -8.42
N GLU B 123 -12.14 -16.75 -8.63
CA GLU B 123 -13.38 -16.11 -8.24
C GLU B 123 -13.74 -16.66 -6.84
N TYR B 124 -14.33 -15.81 -5.98
CA TYR B 124 -14.77 -16.30 -4.68
C TYR B 124 -16.12 -16.93 -4.91
N THR B 125 -16.17 -18.27 -4.89
CA THR B 125 -17.40 -19.03 -5.15
C THR B 125 -17.96 -19.69 -3.87
N GLY B 126 -19.21 -20.10 -3.98
CA GLY B 126 -19.98 -20.74 -2.92
C GLY B 126 -21.46 -20.42 -3.07
N ASP B 127 -22.24 -20.78 -2.06
CA ASP B 127 -23.68 -20.54 -2.00
C ASP B 127 -23.95 -19.08 -1.72
N VAL B 128 -24.75 -18.46 -2.58
CA VAL B 128 -25.19 -17.08 -2.39
C VAL B 128 -26.41 -17.11 -1.46
N ASP B 129 -26.35 -16.37 -0.35
CA ASP B 129 -27.43 -16.28 0.63
C ASP B 129 -27.54 -14.88 1.16
N TYR B 130 -28.75 -14.49 1.60
CA TYR B 130 -28.99 -13.20 2.19
C TYR B 130 -28.15 -13.08 3.49
N ILE B 131 -27.57 -11.89 3.74
CA ILE B 131 -26.83 -11.62 4.98
C ILE B 131 -27.75 -11.85 6.21
N ARG B 132 -29.05 -11.46 6.11
CA ARG B 132 -30.07 -11.65 7.16
C ARG B 132 -30.22 -13.12 7.61
N ASN B 133 -29.96 -14.08 6.68
CA ASN B 133 -30.03 -15.54 6.91
C ASN B 133 -28.75 -16.08 7.54
N ARG B 134 -27.68 -15.27 7.55
CA ARG B 134 -26.36 -15.73 8.02
C ARG B 134 -25.78 -14.99 9.22
N GLU B 135 -26.53 -14.04 9.79
CA GLU B 135 -26.18 -13.21 10.96
C GLU B 135 -25.39 -13.93 12.06
N HIS B 136 -25.74 -15.18 12.38
CA HIS B 136 -25.03 -16.00 13.38
C HIS B 136 -24.50 -17.33 12.79
N ASP B 137 -24.03 -17.30 11.53
CA ASP B 137 -23.46 -18.49 10.90
C ASP B 137 -22.01 -18.65 11.38
N ASP B 138 -21.64 -19.89 11.76
CA ASP B 138 -20.31 -20.24 12.26
C ASP B 138 -19.22 -20.29 11.17
N CYS B 139 -19.61 -20.31 9.87
CA CYS B 139 -18.66 -20.36 8.73
C CYS B 139 -17.62 -19.25 8.81
N ASP B 140 -16.34 -19.67 8.93
CA ASP B 140 -15.15 -18.82 9.00
C ASP B 140 -14.78 -18.25 7.61
N SER B 141 -15.50 -18.67 6.55
CA SER B 141 -15.17 -18.27 5.19
C SER B 141 -16.25 -17.46 4.40
N MET B 142 -17.16 -16.79 5.10
CA MET B 142 -18.15 -15.92 4.45
C MET B 142 -17.48 -14.65 3.86
N MET B 143 -17.92 -14.27 2.65
CA MET B 143 -17.47 -13.12 1.88
C MET B 143 -18.69 -12.31 1.40
N THR B 144 -18.73 -11.00 1.72
CA THR B 144 -19.80 -10.10 1.28
C THR B 144 -19.86 -10.08 -0.25
N LEU B 145 -21.06 -10.34 -0.81
CA LEU B 145 -21.28 -10.31 -2.26
C LEU B 145 -21.96 -8.98 -2.69
N LEU B 146 -23.07 -8.60 -2.03
CA LEU B 146 -23.85 -7.40 -2.32
C LEU B 146 -24.17 -6.62 -1.05
N LEU B 147 -23.90 -5.31 -1.05
CA LEU B 147 -24.21 -4.39 0.07
C LEU B 147 -25.27 -3.39 -0.40
N ALA B 148 -26.53 -3.75 -0.15
CA ALA B 148 -27.71 -3.00 -0.57
C ALA B 148 -28.10 -1.96 0.48
N LYS B 149 -28.77 -0.86 0.05
CA LYS B 149 -29.25 0.21 0.95
C LYS B 149 -30.24 -0.37 1.96
N ASP B 150 -31.11 -1.25 1.47
CA ASP B 150 -32.05 -2.00 2.29
C ASP B 150 -31.25 -3.25 2.74
N PRO B 151 -30.89 -3.35 4.05
CA PRO B 151 -30.05 -4.47 4.51
C PRO B 151 -30.61 -5.87 4.33
N SER B 152 -31.94 -5.99 4.11
CA SER B 152 -32.62 -7.27 3.88
C SER B 152 -32.33 -7.86 2.51
N SER B 153 -31.79 -7.05 1.57
CA SER B 153 -31.45 -7.55 0.24
C SER B 153 -29.94 -7.85 0.08
N SER B 154 -29.12 -7.52 1.11
CA SER B 154 -27.68 -7.73 1.14
C SER B 154 -27.34 -9.21 1.05
N LEU B 155 -26.28 -9.56 0.31
CA LEU B 155 -25.92 -10.96 0.06
C LEU B 155 -24.53 -11.34 0.47
N VAL B 156 -24.35 -12.62 0.75
CA VAL B 156 -23.09 -13.19 1.17
C VAL B 156 -22.81 -14.50 0.40
N ILE B 157 -21.52 -14.77 0.10
CA ILE B 157 -21.08 -16.02 -0.52
C ILE B 157 -20.69 -16.88 0.68
N CYS B 158 -21.21 -18.11 0.73
CA CYS B 158 -20.99 -19.08 1.81
C CYS B 158 -20.32 -20.36 1.25
N PRO B 159 -19.00 -20.52 1.42
CA PRO B 159 -18.34 -21.73 0.89
C PRO B 159 -18.24 -22.85 1.93
N ASP B 160 -19.33 -23.09 2.67
CA ASP B 160 -19.44 -24.16 3.68
C ASP B 160 -19.72 -25.51 3.04
N LYS B 161 -20.62 -25.55 2.06
CA LYS B 161 -20.99 -26.82 1.38
C LYS B 161 -20.30 -26.99 0.04
N ARG B 162 -20.17 -25.90 -0.72
CA ARG B 162 -19.47 -25.87 -2.00
C ARG B 162 -18.66 -24.61 -2.21
N GLY B 163 -17.48 -24.76 -2.76
CA GLY B 163 -16.56 -23.65 -3.01
C GLY B 163 -15.33 -24.11 -3.72
N ASN B 164 -14.33 -23.21 -3.82
CA ASN B 164 -13.10 -23.46 -4.55
C ASN B 164 -11.85 -23.06 -3.74
N ILE B 165 -10.73 -22.80 -4.42
CA ILE B 165 -9.46 -22.41 -3.81
C ILE B 165 -9.53 -21.10 -3.00
N ALA B 166 -10.33 -20.12 -3.45
CA ALA B 166 -10.49 -18.77 -2.85
C ALA B 166 -10.78 -18.77 -1.35
N ARG B 167 -11.59 -19.70 -0.89
CA ARG B 167 -11.93 -19.84 0.54
C ARG B 167 -10.76 -20.32 1.45
N PHE B 168 -9.62 -20.77 0.86
CA PHE B 168 -8.45 -21.23 1.60
C PHE B 168 -7.33 -20.18 1.74
N ILE B 169 -7.47 -19.07 1.01
CA ILE B 169 -6.50 -17.99 1.01
C ILE B 169 -6.60 -17.22 2.33
N SER B 170 -5.42 -17.05 2.96
CA SER B 170 -5.20 -16.37 4.22
C SER B 170 -5.40 -14.86 4.13
N GLY B 171 -5.56 -14.27 5.31
CA GLY B 171 -5.70 -12.84 5.47
C GLY B 171 -4.52 -12.26 6.22
N ILE B 172 -4.35 -10.98 6.06
CA ILE B 172 -3.30 -10.27 6.78
C ILE B 172 -3.86 -9.91 8.17
N ASN B 173 -2.99 -9.75 9.13
CA ASN B 173 -3.38 -9.26 10.44
C ASN B 173 -3.51 -7.71 10.24
N ASN B 174 -4.69 -7.15 10.54
CA ASN B 174 -4.97 -5.71 10.36
C ASN B 174 -4.63 -4.89 11.60
N HIS B 175 -4.00 -5.50 12.62
CA HIS B 175 -3.72 -4.82 13.88
C HIS B 175 -2.26 -4.55 14.13
N THR B 176 -1.39 -5.26 13.40
CA THR B 176 0.04 -5.15 13.57
C THR B 176 0.63 -4.11 12.62
N LEU B 177 1.73 -3.52 13.04
CA LEU B 177 2.41 -2.50 12.27
C LEU B 177 3.03 -3.04 10.97
N ASP B 178 3.41 -4.33 10.96
CA ASP B 178 4.04 -4.94 9.79
C ASP B 178 3.22 -5.98 8.97
N ALA B 179 2.00 -6.39 9.40
CA ALA B 179 1.27 -7.37 8.59
C ALA B 179 0.68 -6.98 7.24
N LYS B 180 0.58 -5.67 6.95
CA LYS B 180 0.13 -5.24 5.62
C LYS B 180 1.23 -5.56 4.59
N LYS B 181 2.48 -5.81 5.08
CA LYS B 181 3.63 -6.15 4.24
C LYS B 181 3.55 -7.53 3.64
N LYS B 182 2.66 -8.37 4.18
CA LYS B 182 2.35 -9.75 3.76
C LYS B 182 1.37 -9.79 2.58
N GLN B 183 0.55 -8.74 2.39
CA GLN B 183 -0.41 -8.65 1.30
C GLN B 183 0.22 -8.64 -0.11
N ASN B 184 -0.10 -9.68 -0.91
CA ASN B 184 0.41 -9.85 -2.28
C ASN B 184 -0.70 -10.02 -3.31
N CYS B 185 -1.95 -9.98 -2.84
CA CYS B 185 -3.11 -10.11 -3.69
C CYS B 185 -4.30 -9.30 -3.17
N LYS B 186 -5.31 -9.06 -4.01
CA LYS B 186 -6.47 -8.23 -3.65
C LYS B 186 -7.77 -8.81 -4.12
N CYS B 187 -8.78 -8.65 -3.26
CA CYS B 187 -10.12 -9.10 -3.50
C CYS B 187 -10.95 -7.88 -3.91
N VAL B 188 -11.52 -7.96 -5.12
CA VAL B 188 -12.32 -6.88 -5.70
C VAL B 188 -13.69 -7.41 -6.09
N ARG B 189 -14.66 -6.52 -6.11
CA ARG B 189 -16.01 -6.85 -6.53
C ARG B 189 -16.30 -6.07 -7.81
N TYR B 190 -16.67 -6.82 -8.86
CA TYR B 190 -16.99 -6.28 -10.19
C TYR B 190 -18.38 -6.74 -10.66
N SER B 191 -19.01 -5.89 -11.47
CA SER B 191 -20.30 -6.18 -12.09
C SER B 191 -20.02 -6.85 -13.45
N VAL B 192 -20.58 -8.06 -13.65
CA VAL B 192 -20.46 -8.89 -14.86
C VAL B 192 -21.90 -9.21 -15.26
N ASN B 193 -22.36 -8.69 -16.43
CA ASN B 193 -23.72 -8.84 -16.98
C ASN B 193 -24.82 -8.49 -15.96
N GLY B 194 -24.62 -7.36 -15.26
CA GLY B 194 -25.53 -6.86 -14.24
C GLY B 194 -25.45 -7.49 -12.86
N GLU B 195 -24.64 -8.56 -12.69
CA GLU B 195 -24.53 -9.21 -11.37
C GLU B 195 -23.20 -9.00 -10.65
N CYS B 196 -23.21 -9.15 -9.31
CA CYS B 196 -22.04 -9.02 -8.43
C CYS B 196 -21.16 -10.26 -8.55
N ARG B 197 -19.85 -10.05 -8.72
CA ARG B 197 -18.87 -11.12 -8.78
C ARG B 197 -17.64 -10.66 -7.98
N VAL B 198 -17.07 -11.61 -7.22
CA VAL B 198 -15.94 -11.35 -6.35
C VAL B 198 -14.72 -12.03 -6.96
N PHE B 199 -13.65 -11.24 -7.22
CA PHE B 199 -12.45 -11.83 -7.84
C PHE B 199 -11.19 -11.58 -7.03
N LEU B 200 -10.24 -12.50 -7.13
CA LEU B 200 -8.94 -12.34 -6.48
C LEU B 200 -7.89 -12.09 -7.54
N VAL B 201 -7.06 -11.06 -7.34
CA VAL B 201 -6.02 -10.65 -8.28
C VAL B 201 -4.66 -10.42 -7.55
N ALA B 202 -3.55 -10.88 -8.17
CA ALA B 202 -2.20 -10.66 -7.64
C ALA B 202 -1.90 -9.15 -7.72
N THR B 203 -1.37 -8.56 -6.63
CA THR B 203 -1.02 -7.13 -6.58
C THR B 203 0.48 -6.83 -6.69
N ARG B 204 1.25 -7.87 -6.89
CA ARG B 204 2.71 -7.87 -7.10
C ARG B 204 3.10 -9.27 -7.60
N ASP B 205 4.32 -9.38 -8.15
CA ASP B 205 4.88 -10.62 -8.66
C ASP B 205 5.15 -11.53 -7.49
N ILE B 206 4.53 -12.73 -7.55
CA ILE B 206 4.58 -13.76 -6.53
C ILE B 206 5.46 -14.89 -7.01
N ALA B 207 6.46 -15.25 -6.19
CA ALA B 207 7.42 -16.32 -6.42
C ALA B 207 6.85 -17.66 -5.95
N LYS B 208 7.36 -18.76 -6.55
CA LYS B 208 7.05 -20.15 -6.17
C LYS B 208 7.27 -20.33 -4.66
N GLY B 209 6.28 -20.94 -4.00
CA GLY B 209 6.32 -21.18 -2.57
C GLY B 209 5.82 -20.05 -1.68
N GLU B 210 5.56 -18.88 -2.27
CA GLU B 210 5.07 -17.72 -1.50
C GLU B 210 3.61 -17.93 -1.17
N ARG B 211 3.27 -17.79 0.11
CA ARG B 211 1.91 -17.91 0.60
C ARG B 211 1.11 -16.67 0.14
N LEU B 212 -0.15 -16.88 -0.27
CA LEU B 212 -1.07 -15.83 -0.73
C LEU B 212 -1.81 -15.20 0.48
N TYR B 213 -1.81 -13.85 0.57
CA TYR B 213 -2.48 -13.08 1.62
C TYR B 213 -3.18 -11.87 1.03
N TYR B 214 -4.43 -11.65 1.38
CA TYR B 214 -5.16 -10.45 0.95
C TYR B 214 -5.80 -9.82 2.13
N ASP B 215 -6.32 -8.61 1.96
CA ASP B 215 -7.01 -7.94 3.08
C ASP B 215 -8.48 -8.39 3.16
N TYR B 216 -8.81 -9.22 4.16
CA TYR B 216 -10.16 -9.72 4.47
C TYR B 216 -11.15 -8.56 4.84
N ASN B 217 -10.62 -7.39 5.26
CA ASN B 217 -11.43 -6.25 5.69
C ASN B 217 -11.16 -5.13 4.73
N GLY B 218 -11.34 -5.43 3.45
CA GLY B 218 -11.02 -4.56 2.32
C GLY B 218 -12.04 -3.50 2.00
N TYR B 219 -13.20 -3.55 2.67
CA TYR B 219 -14.28 -2.59 2.55
C TYR B 219 -14.89 -2.42 3.95
N GLU B 220 -15.63 -3.41 4.43
CA GLU B 220 -16.19 -3.41 5.78
C GLU B 220 -15.12 -3.91 6.73
N HIS B 221 -15.42 -3.98 8.03
CA HIS B 221 -14.51 -4.45 9.07
C HIS B 221 -15.24 -5.52 9.92
N GLU B 222 -15.75 -6.54 9.20
CA GLU B 222 -16.55 -7.64 9.73
C GLU B 222 -15.77 -8.92 9.98
N TYR B 223 -14.45 -8.88 9.78
CA TYR B 223 -13.60 -10.04 10.04
C TYR B 223 -12.59 -9.76 11.14
N PRO B 224 -12.64 -10.46 12.31
CA PRO B 224 -11.61 -10.23 13.35
C PRO B 224 -10.24 -10.83 12.98
N THR B 225 -9.17 -10.01 13.00
CA THR B 225 -7.83 -10.45 12.57
C THR B 225 -6.70 -10.26 13.60
N GLN B 226 -6.98 -9.63 14.75
CA GLN B 226 -5.99 -9.32 15.79
C GLN B 226 -5.02 -10.45 16.18
N HIS B 227 -5.44 -11.73 16.03
CA HIS B 227 -4.70 -12.95 16.41
C HIS B 227 -3.97 -13.64 15.25
N PHE B 228 -4.14 -13.13 14.04
CA PHE B 228 -3.55 -13.67 12.84
C PHE B 228 -2.03 -13.50 12.86
N VAL B 229 -1.31 -14.42 12.22
CA VAL B 229 0.14 -14.40 12.08
C VAL B 229 0.53 -13.71 10.77
N LYS C 3 17.34 2.84 -14.63
CA LYS C 3 18.17 3.70 -13.77
C LYS C 3 17.36 4.27 -12.61
N ALA C 4 17.97 4.27 -11.43
CA ALA C 4 17.28 4.77 -10.24
C ALA C 4 17.17 6.28 -10.28
N ALA C 5 16.06 6.79 -9.77
CA ALA C 5 15.81 8.23 -9.74
C ALA C 5 15.50 8.71 -8.32
C1 DA2 C 6 24.01 9.57 -7.29
C2 DA2 C 6 22.66 7.52 -7.44
N DA2 C 6 16.53 9.25 -7.65
CA DA2 C 6 16.37 9.75 -6.26
CB DA2 C 6 17.45 9.15 -5.37
CG DA2 C 6 18.72 9.98 -5.42
CD DA2 C 6 19.88 9.25 -4.76
NE DA2 C 6 20.82 8.74 -5.72
CZ DA2 C 6 21.99 9.34 -5.94
NH2 DA2 C 6 22.30 10.37 -5.29
NH1 DA2 C 6 22.85 8.83 -6.84
C DA2 C 6 16.48 11.24 -6.25
O DA2 C 6 17.07 11.84 -7.15
N LYS C 7 15.92 11.87 -5.22
CA LYS C 7 15.97 13.32 -5.08
C LYS C 7 17.29 13.78 -4.47
N SER C 8 17.64 15.04 -4.73
CA SER C 8 18.88 15.60 -4.20
C SER C 8 18.65 16.98 -3.67
N ALA C 9 19.42 17.35 -2.66
CA ALA C 9 19.33 18.61 -1.95
C ALA C 9 20.73 19.16 -1.74
N PRO C 10 20.93 20.50 -1.72
CA PRO C 10 22.29 21.02 -1.50
C PRO C 10 22.81 20.82 -0.07
N ALA C 11 24.15 20.89 0.11
CA ALA C 11 24.83 20.77 1.40
C ALA C 11 25.57 22.09 1.76
N THR C 12 25.31 23.16 0.97
CA THR C 12 25.87 24.52 1.15
C THR C 12 24.81 25.57 0.76
N GLY C 13 24.98 26.81 1.22
CA GLY C 13 24.10 27.92 0.89
C GLY C 13 22.86 28.19 1.74
N GLY C 14 22.62 27.37 2.75
CA GLY C 14 21.48 27.49 3.66
C GLY C 14 20.13 27.37 2.99
N VAL C 15 19.10 28.02 3.59
CA VAL C 15 17.72 28.06 3.09
C VAL C 15 17.55 29.30 2.20
N ALA D 1 -24.58 -15.47 21.59
CA ALA D 1 -24.35 -15.99 20.24
C ALA D 1 -23.49 -15.03 19.40
N THR D 2 -22.22 -15.44 19.14
CA THR D 2 -21.19 -14.68 18.40
C THR D 2 -21.62 -14.22 17.00
N LYS D 3 -21.31 -12.93 16.70
CA LYS D 3 -21.67 -12.12 15.53
C LYS D 3 -21.39 -12.63 14.10
N ALA D 4 -20.54 -13.65 13.91
CA ALA D 4 -20.20 -14.19 12.58
C ALA D 4 -19.30 -13.25 11.74
N ALA D 5 -18.15 -13.79 11.33
CA ALA D 5 -17.13 -13.10 10.54
C ALA D 5 -17.44 -13.13 9.06
C1 DA2 D 6 -22.57 -6.34 7.68
C2 DA2 D 6 -22.86 -8.46 8.84
N DA2 D 6 -17.19 -12.02 8.45
CA DA2 D 6 -17.48 -11.77 7.05
CB DA2 D 6 -18.75 -10.94 7.00
CG DA2 D 6 -19.48 -10.95 5.66
CD DA2 D 6 -20.99 -10.67 5.75
NE DA2 D 6 -21.44 -9.74 6.78
CZ DA2 D 6 -21.69 -8.43 6.66
NH2 DA2 D 6 -21.30 -7.81 5.61
NH1 DA2 D 6 -22.32 -7.78 7.66
C DA2 D 6 -16.27 -11.08 6.40
O DA2 D 6 -15.94 -9.81 6.94
N LYS D 7 -15.71 -11.69 5.31
CA LYS D 7 -14.78 -10.94 4.48
C LYS D 7 -15.51 -9.92 3.58
N SER D 8 -14.84 -8.81 3.29
CA SER D 8 -15.38 -7.76 2.46
C SER D 8 -14.34 -7.32 1.47
N ALA D 9 -14.82 -6.79 0.34
CA ALA D 9 -14.01 -6.36 -0.76
C ALA D 9 -14.62 -5.11 -1.36
N PRO D 10 -13.79 -4.12 -1.80
CA PRO D 10 -14.35 -2.92 -2.44
C PRO D 10 -15.10 -3.22 -3.74
N ALA D 11 -16.06 -2.36 -4.06
CA ALA D 11 -16.88 -2.40 -5.26
C ALA D 11 -16.50 -1.26 -6.22
N THR D 12 -15.48 -0.44 -5.85
CA THR D 12 -14.93 0.69 -6.63
C THR D 12 -13.40 0.75 -6.47
N GLY D 13 -12.74 1.56 -7.28
CA GLY D 13 -11.30 1.80 -7.19
C GLY D 13 -10.35 0.95 -7.99
N GLY D 14 -10.84 -0.14 -8.61
CA GLY D 14 -9.97 -1.02 -9.39
C GLY D 14 -9.11 -1.94 -8.54
N VAL D 15 -8.09 -2.54 -9.17
CA VAL D 15 -7.20 -3.47 -8.47
C VAL D 15 -6.14 -2.75 -7.65
N SAH E . 3.11 10.93 -5.18
CA SAH E . 3.94 10.02 -4.42
CB SAH E . 4.81 10.69 -3.33
CG SAH E . 5.89 11.59 -3.92
SD SAH E . 7.28 10.58 -4.55
C SAH E . 3.15 8.84 -3.85
O SAH E . 1.90 8.81 -4.21
OXT SAH E . 3.71 7.97 -3.13
C5' SAH E . 7.61 11.30 -6.19
C4' SAH E . 6.54 10.87 -7.18
O4' SAH E . 5.34 11.64 -6.97
C3' SAH E . 6.95 11.11 -8.62
O3' SAH E . 7.66 9.97 -9.14
C2' SAH E . 5.60 11.31 -9.31
O2' SAH E . 4.95 10.08 -9.61
C1' SAH E . 4.81 12.06 -8.22
N9 SAH E . 4.91 13.52 -8.30
C8 SAH E . 5.56 14.36 -7.43
N7 SAH E . 5.51 15.63 -7.77
C5 SAH E . 4.74 15.62 -8.93
C6 SAH E . 4.24 16.66 -9.74
N6 SAH E . 4.57 17.95 -9.59
N1 SAH E . 3.45 16.32 -10.78
C2 SAH E . 3.22 15.02 -11.02
N3 SAH E . 3.65 13.96 -10.34
C4 SAH E . 4.39 14.32 -9.28
N SAH F . -7.34 -21.37 7.07
CA SAH F . -8.69 -21.58 6.60
CB SAH F . -9.00 -20.96 5.20
CG SAH F . -9.20 -19.45 5.23
SD SAH F . -10.82 -19.10 5.99
C SAH F . -9.10 -23.07 6.62
O SAH F . -8.27 -23.86 7.23
OXT SAH F . -10.18 -23.45 6.12
C5' SAH F . -10.42 -17.89 7.29
C4' SAH F . -9.65 -18.45 8.48
O4' SAH F . -8.28 -18.79 8.16
C3' SAH F . -9.54 -17.52 9.67
O3' SAH F . -10.73 -17.47 10.45
C2' SAH F . -8.34 -18.12 10.43
O2' SAH F . -8.71 -19.21 11.26
C1' SAH F . -7.44 -18.59 9.28
N9 SAH F . -6.40 -17.62 8.90
C8 SAH F . -6.37 -16.87 7.75
N7 SAH F . -5.39 -15.99 7.71
C5 SAH F . -4.71 -16.21 8.90
C6 SAH F . -3.53 -15.65 9.44
N6 SAH F . -2.89 -14.61 8.89
N1 SAH F . -3.09 -16.13 10.62
C2 SAH F . -3.81 -17.06 11.26
N3 SAH F . -4.94 -17.65 10.86
C4 SAH F . -5.32 -17.21 9.65
#